data_4X9V
#
_entry.id   4X9V
#
_cell.length_a   35.119
_cell.length_b   51.242
_cell.length_c   57.111
_cell.angle_alpha   90.00
_cell.angle_beta   100.75
_cell.angle_gamma   90.00
#
_symmetry.space_group_name_H-M   'P 1 21 1'
#
loop_
_entity.id
_entity.type
_entity.pdbx_description
1 polymer 'Serine/threonine-protein kinase PLK1'
2 polymer 'Phosphopeptide macrocycle 3C'
3 water water
#
loop_
_entity_poly.entity_id
_entity_poly.type
_entity_poly.pdbx_seq_one_letter_code
_entity_poly.pdbx_strand_id
1 'polypeptide(L)'
;GAHMDCHLSDMLQQLHSVNASKPSERGLVRQEEAEDPACIPIFWVSKWVDYSDKYGLGYQLCDNSVGVLFNDSTRLILYN
DGDSLQYIERDGTESYLTVSSHPNSLMKKITLLKYFRNYMSEHLLKAGANITPREGDELARLPYLRTWFRTRSAIILHLS
NGSVQINFFQDHTKLILCPLMAAVTYIDEKRDFRTYRLSLLEEYGCCKELASRLRYARTMVDKLLSSRSASNRLKAS
;
A
2 'polypeptide(L)' (4KY)L(56A)S(TPO)(NH2) B
#
# COMPACT_ATOMS: atom_id res chain seq x y z
N CYS A 6 6.79 3.57 -15.04
CA CYS A 6 5.59 2.85 -14.65
C CYS A 6 4.49 3.86 -14.41
N HIS A 7 3.45 3.43 -13.71
CA HIS A 7 2.30 4.28 -13.43
C HIS A 7 2.56 5.25 -12.28
N LEU A 8 3.74 5.23 -11.66
CA LEU A 8 4.04 6.24 -10.64
C LEU A 8 3.94 7.63 -11.24
N SER A 9 4.37 7.78 -12.49
CA SER A 9 4.30 9.09 -13.14
C SER A 9 2.87 9.56 -13.28
N ASP A 10 1.97 8.63 -13.58
CA ASP A 10 0.55 8.97 -13.65
C ASP A 10 0.02 9.37 -12.29
N MET A 11 0.43 8.64 -11.26
CA MET A 11 -0.01 8.97 -9.91
C MET A 11 0.43 10.37 -9.52
N LEU A 12 1.66 10.71 -9.86
CA LEU A 12 2.19 12.01 -9.54
C LEU A 12 1.37 13.10 -10.24
N GLN A 13 1.03 12.87 -11.50
N GLN A 13 1.03 12.89 -11.51
CA GLN A 13 0.25 13.86 -12.26
CA GLN A 13 0.24 13.87 -12.25
C GLN A 13 -1.15 14.02 -11.67
C GLN A 13 -1.13 14.04 -11.60
N GLN A 14 -1.74 12.92 -11.22
CA GLN A 14 -3.05 12.95 -10.63
C GLN A 14 -3.02 13.76 -9.32
N LEU A 15 -1.98 13.55 -8.52
CA LEU A 15 -1.84 14.25 -7.26
C LEU A 15 -1.52 15.72 -7.51
N HIS A 16 -0.67 16.02 -8.48
CA HIS A 16 -0.41 17.42 -8.83
C HIS A 16 -1.71 18.10 -9.12
N SER A 17 -2.54 17.44 -9.91
CA SER A 17 -3.77 18.07 -10.33
C SER A 17 -4.73 18.33 -9.15
N VAL A 18 -4.86 17.40 -8.22
CA VAL A 18 -5.77 17.63 -7.11
CA VAL A 18 -5.74 17.62 -7.07
C VAL A 18 -5.15 18.71 -6.20
N ASN A 19 -3.86 18.61 -5.94
CA ASN A 19 -3.26 19.58 -5.02
C ASN A 19 -3.34 21.00 -5.60
N ALA A 20 -3.15 21.12 -6.91
CA ALA A 20 -3.15 22.45 -7.51
C ALA A 20 -4.53 23.06 -7.46
N SER A 21 -5.56 22.24 -7.30
CA SER A 21 -6.93 22.73 -7.25
C SER A 21 -7.32 23.31 -5.89
N LYS A 22 -6.41 23.23 -4.92
CA LYS A 22 -6.61 23.79 -3.58
C LYS A 22 -7.95 23.36 -2.97
N PRO A 23 -8.14 22.04 -2.84
CA PRO A 23 -9.47 21.51 -2.56
C PRO A 23 -10.07 21.94 -1.22
N SER A 24 -9.26 22.30 -0.24
CA SER A 24 -9.78 22.69 1.08
C SER A 24 -9.85 24.21 1.23
N GLU A 25 -9.49 24.97 0.18
CA GLU A 25 -9.34 26.43 0.31
C GLU A 25 -10.26 27.24 -0.59
N ARG A 26 -11.33 26.65 -1.11
CA ARG A 26 -12.18 27.41 -2.05
C ARG A 26 -13.68 27.48 -1.78
N GLY A 27 -14.11 27.55 -0.54
CA GLY A 27 -15.53 27.65 -0.30
C GLY A 27 -16.18 26.29 -0.15
N LEU A 28 -17.46 26.17 -0.50
CA LEU A 28 -18.24 25.01 -0.10
C LEU A 28 -17.57 23.70 -0.52
N VAL A 29 -17.19 22.91 0.48
CA VAL A 29 -16.59 21.60 0.24
C VAL A 29 -17.70 20.55 0.21
N ARG A 30 -17.70 19.73 -0.84
CA ARG A 30 -18.73 18.72 -1.03
C ARG A 30 -18.04 17.35 -1.17
N GLN A 31 -17.24 17.00 -0.17
CA GLN A 31 -16.32 15.88 -0.22
C GLN A 31 -17.06 14.58 -0.50
N GLU A 32 -18.24 14.43 0.08
CA GLU A 32 -19.00 13.20 -0.09
C GLU A 32 -19.36 12.92 -1.55
N GLU A 33 -19.50 13.97 -2.35
CA GLU A 33 -19.84 13.76 -3.74
C GLU A 33 -18.67 13.29 -4.61
N ALA A 34 -17.48 13.28 -4.02
CA ALA A 34 -16.30 12.75 -4.69
C ALA A 34 -16.14 11.24 -4.47
N GLU A 35 -16.94 10.66 -3.59
CA GLU A 35 -16.88 9.23 -3.34
C GLU A 35 -17.36 8.48 -4.55
N ASP A 36 -16.60 7.47 -4.93
CA ASP A 36 -16.93 6.64 -6.09
C ASP A 36 -16.71 5.17 -5.71
N PRO A 37 -17.79 4.47 -5.32
CA PRO A 37 -17.64 3.08 -4.90
C PRO A 37 -17.12 2.19 -6.01
N ALA A 38 -17.24 2.57 -7.28
CA ALA A 38 -16.74 1.72 -8.36
C ALA A 38 -15.20 1.68 -8.39
N CYS A 39 -14.58 2.55 -7.60
CA CYS A 39 -13.13 2.67 -7.56
C CYS A 39 -12.54 1.98 -6.34
N ILE A 40 -13.35 1.28 -5.53
CA ILE A 40 -12.81 0.62 -4.34
C ILE A 40 -11.67 -0.29 -4.79
N PRO A 41 -10.54 -0.21 -4.08
CA PRO A 41 -9.39 -1.04 -4.45
C PRO A 41 -9.61 -2.55 -4.22
N ILE A 42 -8.91 -3.35 -5.01
CA ILE A 42 -8.96 -4.80 -4.90
C ILE A 42 -8.03 -5.31 -3.79
N PHE A 43 -6.85 -4.69 -3.70
CA PHE A 43 -5.85 -5.10 -2.71
C PHE A 43 -5.32 -3.90 -1.95
N TRP A 44 -5.02 -4.12 -0.69
CA TRP A 44 -4.26 -3.18 0.11
C TRP A 44 -3.55 -3.98 1.20
N VAL A 45 -2.64 -3.32 1.89
CA VAL A 45 -1.91 -3.92 3.00
C VAL A 45 -2.72 -3.81 4.29
N SER A 46 -3.09 -4.95 4.84
CA SER A 46 -3.88 -4.99 6.06
CA SER A 46 -3.88 -5.00 6.05
C SER A 46 -3.06 -5.03 7.35
N LYS A 47 -1.83 -5.59 7.26
CA LYS A 47 -0.90 -5.66 8.41
C LYS A 47 0.52 -5.61 7.87
N TRP A 48 1.46 -5.15 8.69
CA TRP A 48 2.86 -5.20 8.32
C TRP A 48 3.75 -5.34 9.55
N VAL A 49 4.93 -5.90 9.33
CA VAL A 49 5.94 -6.12 10.33
C VAL A 49 7.29 -5.71 9.74
N ASP A 50 7.89 -4.67 10.30
CA ASP A 50 9.22 -4.22 9.86
C ASP A 50 10.30 -4.95 10.66
N TYR A 51 10.86 -5.98 10.04
CA TYR A 51 12.04 -6.64 10.60
C TYR A 51 13.21 -6.43 9.63
N SER A 52 13.32 -5.23 9.10
CA SER A 52 14.29 -4.95 8.05
C SER A 52 15.71 -4.71 8.53
N ASP A 53 15.92 -4.64 9.84
CA ASP A 53 17.31 -4.58 10.31
C ASP A 53 18.03 -5.90 10.07
N LYS A 54 17.27 -6.99 9.93
CA LYS A 54 17.86 -8.29 9.71
C LYS A 54 17.34 -9.05 8.49
N TYR A 55 16.04 -9.00 8.23
CA TYR A 55 15.42 -9.93 7.28
C TYR A 55 14.65 -9.24 6.17
N GLY A 56 13.74 -8.33 6.54
CA GLY A 56 12.92 -7.65 5.56
C GLY A 56 11.61 -7.21 6.14
N LEU A 57 10.67 -6.87 5.25
CA LEU A 57 9.37 -6.34 5.60
C LEU A 57 8.31 -7.39 5.25
N GLY A 58 7.65 -7.90 6.28
CA GLY A 58 6.55 -8.84 6.11
C GLY A 58 5.23 -8.13 6.11
N TYR A 59 4.28 -8.61 5.33
CA TYR A 59 2.99 -7.93 5.25
C TYR A 59 1.89 -8.93 4.91
N GLN A 60 0.69 -8.54 5.26
CA GLN A 60 -0.51 -9.27 4.92
C GLN A 60 -1.34 -8.39 4.00
N LEU A 61 -1.87 -8.97 2.92
CA LEU A 61 -2.82 -8.24 2.10
C LEU A 61 -4.23 -8.52 2.58
N CYS A 62 -5.18 -7.70 2.13
CA CYS A 62 -6.55 -7.77 2.63
C CYS A 62 -7.25 -9.07 2.32
N ASP A 63 -6.73 -9.86 1.36
CA ASP A 63 -7.29 -11.18 1.07
C ASP A 63 -6.69 -12.27 1.94
N ASN A 64 -5.92 -11.89 2.96
CA ASN A 64 -5.28 -12.80 3.92
C ASN A 64 -4.09 -13.57 3.37
N SER A 65 -3.65 -13.23 2.18
CA SER A 65 -2.37 -13.63 1.68
C SER A 65 -1.25 -12.88 2.42
N VAL A 66 -0.05 -13.42 2.42
N VAL A 66 -0.04 -13.41 2.35
CA VAL A 66 1.07 -12.71 3.01
CA VAL A 66 1.12 -12.88 3.08
C VAL A 66 2.19 -12.62 2.01
C VAL A 66 2.29 -12.77 2.13
N GLY A 67 3.17 -11.80 2.35
CA GLY A 67 4.37 -11.69 1.57
C GLY A 67 5.50 -11.14 2.39
N VAL A 68 6.69 -11.24 1.85
CA VAL A 68 7.87 -10.65 2.44
C VAL A 68 8.70 -10.06 1.31
N LEU A 69 9.17 -8.84 1.54
CA LEU A 69 10.19 -8.22 0.73
C LEU A 69 11.48 -8.30 1.54
N PHE A 70 12.34 -9.24 1.14
CA PHE A 70 13.59 -9.46 1.87
C PHE A 70 14.60 -8.35 1.60
N ASN A 71 15.59 -8.22 2.46
CA ASN A 71 16.58 -7.18 2.31
C ASN A 71 17.43 -7.32 1.03
N ASP A 72 17.44 -8.50 0.42
CA ASP A 72 18.15 -8.69 -0.85
C ASP A 72 17.27 -8.34 -2.08
N SER A 73 16.09 -7.81 -1.80
CA SER A 73 15.16 -7.32 -2.82
C SER A 73 14.41 -8.42 -3.54
N THR A 74 14.44 -9.61 -2.98
CA THR A 74 13.61 -10.68 -3.51
C THR A 74 12.33 -10.70 -2.67
N ARG A 75 11.31 -11.33 -3.24
CA ARG A 75 10.01 -11.41 -2.61
C ARG A 75 9.50 -12.86 -2.58
N LEU A 76 8.83 -13.21 -1.50
CA LEU A 76 8.07 -14.45 -1.46
C LEU A 76 6.63 -14.09 -1.10
N ILE A 77 5.69 -14.63 -1.88
CA ILE A 77 4.26 -14.40 -1.71
C ILE A 77 3.59 -15.72 -1.41
N LEU A 78 2.82 -15.76 -0.34
CA LEU A 78 2.01 -16.93 -0.01
C LEU A 78 0.55 -16.60 -0.20
N TYR A 79 -0.06 -17.32 -1.13
CA TYR A 79 -1.48 -17.11 -1.42
C TYR A 79 -2.34 -17.54 -0.24
N ASN A 80 -3.60 -17.12 -0.22
CA ASN A 80 -4.46 -17.37 0.93
C ASN A 80 -4.94 -18.80 1.03
N ASP A 81 -4.49 -19.65 0.12
CA ASP A 81 -4.76 -21.07 0.23
C ASP A 81 -3.77 -21.74 1.19
N GLY A 82 -2.78 -20.97 1.63
CA GLY A 82 -1.83 -21.45 2.62
C GLY A 82 -0.73 -22.35 2.11
N ASP A 83 -0.65 -22.57 0.80
CA ASP A 83 0.39 -23.45 0.25
C ASP A 83 1.04 -22.87 -1.00
N SER A 84 0.24 -22.24 -1.87
CA SER A 84 0.78 -21.73 -3.13
C SER A 84 1.71 -20.56 -2.89
N LEU A 85 2.88 -20.63 -3.52
CA LEU A 85 3.94 -19.64 -3.34
C LEU A 85 4.41 -19.08 -4.67
N GLN A 86 4.70 -17.78 -4.67
CA GLN A 86 5.43 -17.17 -5.75
C GLN A 86 6.72 -16.58 -5.21
N TYR A 87 7.81 -16.82 -5.92
CA TYR A 87 9.10 -16.22 -5.60
C TYR A 87 9.46 -15.28 -6.71
N ILE A 88 9.81 -14.05 -6.33
CA ILE A 88 10.14 -13.01 -7.28
C ILE A 88 11.56 -12.53 -7.01
N GLU A 89 12.41 -12.63 -8.02
CA GLU A 89 13.79 -12.18 -7.90
C GLU A 89 13.85 -10.67 -7.98
N ARG A 90 15.01 -10.10 -7.67
CA ARG A 90 15.18 -8.66 -7.68
C ARG A 90 14.73 -8.08 -9.04
N ASP A 91 15.08 -8.79 -10.12
CA ASP A 91 14.76 -8.36 -11.50
C ASP A 91 13.30 -8.55 -11.89
N GLY A 92 12.51 -9.13 -10.99
CA GLY A 92 11.10 -9.31 -11.25
C GLY A 92 10.75 -10.67 -11.83
N THR A 93 11.75 -11.52 -12.03
CA THR A 93 11.52 -12.87 -12.57
C THR A 93 10.74 -13.68 -11.54
N GLU A 94 9.66 -14.32 -11.99
CA GLU A 94 8.75 -15.00 -11.09
C GLU A 94 8.85 -16.52 -11.28
N SER A 95 8.74 -17.24 -10.17
CA SER A 95 8.56 -18.69 -10.26
C SER A 95 7.55 -19.17 -9.23
N TYR A 96 6.93 -20.30 -9.51
CA TYR A 96 5.85 -20.83 -8.68
C TYR A 96 6.26 -22.15 -8.03
N LEU A 97 5.72 -22.37 -6.85
CA LEU A 97 6.10 -23.52 -6.04
C LEU A 97 5.06 -23.59 -4.94
N THR A 98 5.27 -24.45 -3.95
CA THR A 98 4.37 -24.49 -2.81
C THR A 98 5.21 -24.67 -1.55
N VAL A 99 4.60 -24.44 -0.40
CA VAL A 99 5.28 -24.71 0.85
C VAL A 99 5.56 -26.22 0.97
N SER A 100 4.63 -27.03 0.46
CA SER A 100 4.76 -28.47 0.55
C SER A 100 5.85 -29.01 -0.35
N SER A 101 6.16 -28.28 -1.42
CA SER A 101 7.16 -28.70 -2.38
C SER A 101 7.94 -27.52 -2.91
N HIS A 102 9.11 -27.28 -2.31
CA HIS A 102 9.97 -26.14 -2.67
C HIS A 102 11.42 -26.57 -2.76
N PRO A 103 12.22 -25.83 -3.54
CA PRO A 103 13.65 -26.16 -3.57
C PRO A 103 14.28 -25.90 -2.22
N ASN A 104 15.23 -26.73 -1.86
CA ASN A 104 15.90 -26.57 -0.59
C ASN A 104 16.58 -25.22 -0.44
N SER A 105 16.94 -24.58 -1.56
CA SER A 105 17.59 -23.28 -1.53
C SER A 105 16.71 -22.21 -0.89
N LEU A 106 15.39 -22.41 -0.91
CA LEU A 106 14.45 -21.44 -0.35
C LEU A 106 14.04 -21.77 1.07
N MET A 107 14.70 -22.76 1.66
CA MET A 107 14.37 -23.16 3.01
C MET A 107 14.30 -22.01 4.00
N LYS A 108 15.36 -21.22 4.05
CA LYS A 108 15.43 -20.16 5.07
C LYS A 108 14.36 -19.11 4.84
N LYS A 109 14.16 -18.72 3.59
CA LYS A 109 13.18 -17.67 3.28
C LYS A 109 11.76 -18.15 3.56
N ILE A 110 11.48 -19.41 3.27
CA ILE A 110 10.15 -19.99 3.56
C ILE A 110 9.92 -20.03 5.06
N THR A 111 10.95 -20.38 5.84
CA THR A 111 10.82 -20.42 7.28
C THR A 111 10.48 -19.03 7.81
N LEU A 112 11.21 -18.03 7.33
CA LEU A 112 10.93 -16.64 7.73
C LEU A 112 9.52 -16.24 7.36
N LEU A 113 9.07 -16.55 6.14
CA LEU A 113 7.71 -16.26 5.74
C LEU A 113 6.69 -16.90 6.68
N LYS A 114 6.95 -18.14 7.07
CA LYS A 114 6.03 -18.82 7.96
C LYS A 114 5.94 -18.14 9.32
N TYR A 115 7.06 -17.68 9.83
CA TYR A 115 7.06 -16.91 11.09
C TYR A 115 6.25 -15.61 10.97
N PHE A 116 6.50 -14.86 9.91
CA PHE A 116 5.73 -13.64 9.65
C PHE A 116 4.23 -13.97 9.54
N ARG A 117 3.90 -15.00 8.78
CA ARG A 117 2.52 -15.38 8.59
CA ARG A 117 2.50 -15.41 8.58
C ARG A 117 1.85 -15.77 9.91
N ASN A 118 2.55 -16.57 10.72
CA ASN A 118 1.98 -17.00 11.99
C ASN A 118 1.74 -15.76 12.86
N TYR A 119 2.70 -14.84 12.89
CA TYR A 119 2.56 -13.62 13.70
C TYR A 119 1.34 -12.78 13.26
N MET A 120 1.18 -12.61 11.94
CA MET A 120 0.10 -11.76 11.44
C MET A 120 -1.25 -12.52 11.40
N SER A 121 -1.25 -13.82 11.64
CA SER A 121 -2.51 -14.50 11.83
C SER A 121 -3.00 -14.37 13.28
N GLU A 122 -2.06 -14.29 14.21
CA GLU A 122 -2.37 -14.31 15.63
C GLU A 122 -2.48 -12.93 16.25
N HIS A 123 -1.90 -11.95 15.59
CA HIS A 123 -1.80 -10.62 16.14
C HIS A 123 -2.18 -9.56 15.13
N LEU A 124 -2.55 -8.41 15.68
CA LEU A 124 -2.78 -7.15 14.94
C LEU A 124 -4.16 -7.09 14.30
N LEU A 125 -4.62 -5.86 14.07
CA LEU A 125 -5.90 -5.61 13.43
C LEU A 125 -5.73 -5.58 11.93
N LYS A 126 -6.70 -6.12 11.24
CA LYS A 126 -6.72 -6.04 9.79
C LYS A 126 -7.21 -4.68 9.32
N ALA A 127 -6.36 -3.90 8.68
CA ALA A 127 -6.80 -2.63 8.13
C ALA A 127 -7.83 -2.88 7.04
N GLY A 128 -8.85 -2.04 6.98
CA GLY A 128 -9.94 -2.23 6.01
C GLY A 128 -10.79 -3.47 6.22
N ALA A 129 -10.92 -3.91 7.46
CA ALA A 129 -11.49 -5.21 7.79
C ALA A 129 -12.92 -5.43 7.36
N ASN A 130 -13.64 -4.34 7.16
CA ASN A 130 -15.07 -4.40 6.90
C ASN A 130 -15.41 -4.60 5.42
N ILE A 131 -14.38 -4.51 4.59
CA ILE A 131 -14.57 -4.32 3.15
C ILE A 131 -14.30 -5.60 2.40
N THR A 132 -15.18 -5.93 1.47
CA THR A 132 -14.95 -7.03 0.55
C THR A 132 -14.14 -6.53 -0.66
N ALA A 140 -6.50 -9.24 -12.20
CA ALA A 140 -6.35 -8.93 -10.78
C ALA A 140 -5.47 -9.97 -10.10
N ARG A 141 -4.34 -10.29 -10.73
CA ARG A 141 -3.38 -11.21 -10.13
C ARG A 141 -2.81 -10.62 -8.84
N LEU A 142 -2.32 -11.49 -7.97
CA LEU A 142 -1.88 -11.02 -6.65
C LEU A 142 -0.69 -10.11 -6.81
N PRO A 143 -0.76 -8.86 -6.29
CA PRO A 143 0.43 -8.00 -6.39
C PRO A 143 1.44 -8.37 -5.32
N TYR A 144 2.69 -7.96 -5.54
CA TYR A 144 3.70 -8.08 -4.53
C TYR A 144 4.21 -6.70 -4.16
N LEU A 145 4.96 -6.63 -3.08
CA LEU A 145 5.53 -5.37 -2.64
C LEU A 145 6.80 -5.09 -3.47
N ARG A 146 6.73 -4.06 -4.30
CA ARG A 146 7.87 -3.68 -5.13
C ARG A 146 8.95 -3.02 -4.29
N THR A 147 8.56 -2.02 -3.51
CA THR A 147 9.47 -1.36 -2.61
C THR A 147 8.66 -0.69 -1.51
N TRP A 148 9.38 -0.28 -0.48
CA TRP A 148 8.79 0.42 0.65
C TRP A 148 9.85 1.30 1.29
N PHE A 149 9.38 2.27 2.07
CA PHE A 149 10.28 2.96 2.97
C PHE A 149 9.46 3.54 4.10
N ARG A 150 10.14 4.00 5.14
CA ARG A 150 9.49 4.67 6.26
CA ARG A 150 9.47 4.68 6.24
C ARG A 150 10.12 6.02 6.51
N THR A 151 9.29 6.95 6.96
CA THR A 151 9.75 8.24 7.44
C THR A 151 9.44 8.24 8.94
N ARG A 152 9.71 9.34 9.63
CA ARG A 152 9.33 9.41 11.03
C ARG A 152 7.81 9.34 11.20
N SER A 153 7.06 9.77 10.20
N SER A 153 7.09 9.80 10.17
CA SER A 153 5.60 9.89 10.39
CA SER A 153 5.63 9.98 10.24
C SER A 153 4.75 8.85 9.65
C SER A 153 4.79 8.85 9.67
N ALA A 154 5.35 8.10 8.74
CA ALA A 154 4.55 7.17 7.95
C ALA A 154 5.37 6.03 7.37
N ILE A 155 4.66 4.98 6.94
CA ILE A 155 5.25 3.91 6.12
C ILE A 155 4.60 3.97 4.74
N ILE A 156 5.46 3.85 3.73
CA ILE A 156 5.06 3.96 2.33
C ILE A 156 5.29 2.63 1.65
N LEU A 157 4.23 2.09 1.04
CA LEU A 157 4.28 0.74 0.45
C LEU A 157 3.85 0.82 -1.00
N HIS A 158 4.70 0.37 -1.92
CA HIS A 158 4.43 0.43 -3.37
C HIS A 158 4.22 -0.99 -3.91
N LEU A 159 2.99 -1.27 -4.33
CA LEU A 159 2.63 -2.60 -4.82
C LEU A 159 2.85 -2.71 -6.32
N SER A 160 3.06 -3.94 -6.79
CA SER A 160 3.38 -4.20 -8.18
C SER A 160 2.22 -3.94 -9.12
N ASN A 161 1.03 -3.72 -8.58
CA ASN A 161 -0.09 -3.31 -9.42
C ASN A 161 -0.20 -1.81 -9.56
N GLY A 162 0.81 -1.10 -9.05
CA GLY A 162 0.88 0.34 -9.20
C GLY A 162 0.34 1.12 -8.01
N SER A 163 -0.41 0.44 -7.13
CA SER A 163 -0.93 1.10 -5.94
C SER A 163 0.19 1.54 -4.99
N VAL A 164 -0.07 2.65 -4.31
CA VAL A 164 0.80 3.16 -3.26
C VAL A 164 -0.05 3.34 -2.01
N GLN A 165 0.40 2.78 -0.90
CA GLN A 165 -0.31 2.91 0.36
C GLN A 165 0.60 3.64 1.35
N ILE A 166 -0.01 4.58 2.06
CA ILE A 166 0.69 5.36 3.06
C ILE A 166 -0.08 5.27 4.35
N ASN A 167 0.56 4.72 5.40
CA ASN A 167 -0.07 4.64 6.70
C ASN A 167 0.65 5.62 7.64
N PHE A 168 -0.10 6.54 8.24
CA PHE A 168 0.44 7.52 9.16
C PHE A 168 0.42 6.96 10.58
N PHE A 169 1.56 7.04 11.23
CA PHE A 169 1.73 6.36 12.51
C PHE A 169 0.96 6.99 13.65
N GLN A 170 0.98 8.31 13.73
CA GLN A 170 0.52 8.97 14.95
C GLN A 170 -1.00 8.92 15.08
N ASP A 171 -1.72 9.14 13.98
CA ASP A 171 -3.16 9.15 14.04
C ASP A 171 -3.85 7.98 13.34
N HIS A 172 -3.05 7.06 12.80
CA HIS A 172 -3.54 5.81 12.23
C HIS A 172 -4.37 5.95 10.97
N THR A 173 -4.31 7.14 10.38
CA THR A 173 -4.99 7.35 9.11
C THR A 173 -4.17 6.75 7.96
N LYS A 174 -4.82 6.44 6.85
CA LYS A 174 -4.18 5.74 5.75
C LYS A 174 -4.72 6.19 4.42
N LEU A 175 -3.83 6.21 3.42
CA LEU A 175 -4.24 6.43 2.03
C LEU A 175 -3.88 5.22 1.18
N ILE A 176 -4.78 4.83 0.29
CA ILE A 176 -4.49 3.79 -0.73
C ILE A 176 -4.73 4.46 -2.07
N LEU A 177 -3.62 4.72 -2.79
CA LEU A 177 -3.68 5.41 -4.07
C LEU A 177 -3.57 4.44 -5.23
N CYS A 178 -4.51 4.52 -6.18
CA CYS A 178 -4.46 3.65 -7.35
C CYS A 178 -4.43 4.50 -8.61
N PRO A 179 -3.34 4.40 -9.37
CA PRO A 179 -3.21 5.23 -10.57
C PRO A 179 -4.04 4.75 -11.76
N LEU A 180 -4.51 3.51 -11.72
CA LEU A 180 -5.34 2.94 -12.78
C LEU A 180 -6.76 3.45 -12.66
N MET A 181 -7.29 3.49 -11.43
CA MET A 181 -8.59 4.07 -11.16
C MET A 181 -8.50 5.59 -10.96
N ALA A 182 -7.28 6.10 -10.78
CA ALA A 182 -7.06 7.52 -10.45
C ALA A 182 -7.91 7.87 -9.23
N ALA A 183 -7.69 7.09 -8.18
CA ALA A 183 -8.51 7.13 -7.00
C ALA A 183 -7.66 7.11 -5.75
N VAL A 184 -8.25 7.57 -4.65
CA VAL A 184 -7.62 7.45 -3.34
C VAL A 184 -8.68 6.97 -2.34
N THR A 185 -8.31 5.95 -1.57
CA THR A 185 -9.12 5.54 -0.43
C THR A 185 -8.48 6.13 0.82
N TYR A 186 -9.30 6.79 1.62
CA TYR A 186 -8.87 7.39 2.88
C TYR A 186 -9.50 6.60 4.00
N ILE A 187 -8.68 6.07 4.90
CA ILE A 187 -9.15 5.43 6.11
C ILE A 187 -8.86 6.40 7.26
N ASP A 188 -9.92 6.90 7.91
CA ASP A 188 -9.78 7.95 8.91
C ASP A 188 -9.57 7.36 10.30
N GLU A 189 -9.51 8.24 11.27
CA GLU A 189 -9.19 7.86 12.64
C GLU A 189 -10.20 6.91 13.27
N LYS A 190 -11.43 6.92 12.76
CA LYS A 190 -12.43 6.02 13.30
C LYS A 190 -12.52 4.75 12.48
N ARG A 191 -11.60 4.58 11.52
CA ARG A 191 -11.59 3.41 10.63
CA ARG A 191 -11.56 3.44 10.59
C ARG A 191 -12.71 3.44 9.59
N ASP A 192 -13.29 4.59 9.36
CA ASP A 192 -14.22 4.69 8.23
C ASP A 192 -13.35 4.66 6.93
N PHE A 193 -13.80 3.92 5.90
CA PHE A 193 -13.04 3.63 4.65
C PHE A 193 -13.89 4.26 3.52
N ARG A 194 -13.36 5.30 2.88
CA ARG A 194 -14.06 6.02 1.80
C ARG A 194 -13.15 6.11 0.60
N THR A 195 -13.67 5.74 -0.56
CA THR A 195 -12.89 5.82 -1.79
C THR A 195 -13.38 6.98 -2.64
N TYR A 196 -12.42 7.81 -3.05
CA TYR A 196 -12.70 9.02 -3.83
C TYR A 196 -12.04 8.96 -5.21
N ARG A 197 -12.74 9.44 -6.23
CA ARG A 197 -12.08 9.68 -7.49
C ARG A 197 -11.29 10.99 -7.36
N LEU A 198 -10.01 10.96 -7.68
CA LEU A 198 -9.17 12.15 -7.51
C LEU A 198 -9.71 13.35 -8.28
N SER A 199 -10.15 13.14 -9.52
CA SER A 199 -10.69 14.26 -10.29
C SER A 199 -11.96 14.83 -9.67
N LEU A 200 -12.69 14.03 -8.91
CA LEU A 200 -13.87 14.55 -8.20
C LEU A 200 -13.48 15.32 -6.97
N LEU A 201 -12.34 15.01 -6.35
CA LEU A 201 -11.85 15.87 -5.28
C LEU A 201 -11.49 17.25 -5.83
N GLU A 202 -10.97 17.30 -7.07
CA GLU A 202 -10.78 18.60 -7.74
C GLU A 202 -12.09 19.29 -7.89
N GLU A 203 -13.11 18.55 -8.29
CA GLU A 203 -14.42 19.10 -8.61
C GLU A 203 -15.19 19.60 -7.37
N TYR A 204 -15.03 18.89 -6.26
CA TYR A 204 -15.91 19.10 -5.12
C TYR A 204 -15.19 19.54 -3.85
N GLY A 205 -13.87 19.47 -3.87
CA GLY A 205 -13.08 19.82 -2.69
C GLY A 205 -13.04 18.75 -1.61
N CYS A 206 -12.29 19.05 -0.55
CA CYS A 206 -12.21 18.17 0.60
C CYS A 206 -11.74 18.92 1.81
N CYS A 207 -11.80 18.24 2.95
CA CYS A 207 -11.40 18.81 4.23
C CYS A 207 -9.91 19.03 4.26
N LYS A 208 -9.47 19.92 5.14
CA LYS A 208 -8.06 20.26 5.17
C LYS A 208 -7.22 19.06 5.60
N GLU A 209 -7.81 18.15 6.35
CA GLU A 209 -7.07 16.98 6.82
C GLU A 209 -6.69 16.09 5.64
N LEU A 210 -7.66 15.79 4.79
CA LEU A 210 -7.37 14.97 3.61
C LEU A 210 -6.44 15.76 2.68
N ALA A 211 -6.71 17.04 2.50
CA ALA A 211 -5.85 17.82 1.64
C ALA A 211 -4.38 17.75 2.06
N SER A 212 -4.11 17.88 3.35
CA SER A 212 -2.75 17.84 3.86
CA SER A 212 -2.73 17.85 3.82
C SER A 212 -2.11 16.47 3.57
N ARG A 213 -2.89 15.44 3.77
CA ARG A 213 -2.38 14.08 3.50
C ARG A 213 -2.09 13.83 2.03
N LEU A 214 -2.87 14.45 1.14
CA LEU A 214 -2.59 14.33 -0.30
C LEU A 214 -1.35 15.14 -0.72
N ARG A 215 -1.09 16.26 -0.05
CA ARG A 215 0.17 16.95 -0.29
C ARG A 215 1.36 16.09 0.13
N TYR A 216 1.24 15.46 1.30
CA TYR A 216 2.29 14.55 1.77
C TYR A 216 2.45 13.39 0.78
N ALA A 217 1.33 12.86 0.31
CA ALA A 217 1.37 11.75 -0.64
C ALA A 217 2.17 12.14 -1.88
N ARG A 218 1.96 13.35 -2.40
CA ARG A 218 2.71 13.77 -3.58
C ARG A 218 4.21 13.72 -3.32
N THR A 219 4.64 14.20 -2.15
CA THR A 219 6.06 14.17 -1.82
CA THR A 219 6.05 14.17 -1.82
C THR A 219 6.56 12.72 -1.77
N MET A 220 5.74 11.82 -1.22
CA MET A 220 6.14 10.42 -1.12
C MET A 220 6.26 9.79 -2.49
N VAL A 221 5.37 10.16 -3.41
CA VAL A 221 5.45 9.62 -4.78
C VAL A 221 6.71 10.14 -5.48
N ASP A 222 7.02 11.42 -5.30
CA ASP A 222 8.29 11.94 -5.81
C ASP A 222 9.47 11.15 -5.23
N LYS A 223 9.43 10.83 -3.94
CA LYS A 223 10.50 10.02 -3.35
C LYS A 223 10.59 8.63 -4.02
N LEU A 224 9.46 7.98 -4.25
CA LEU A 224 9.48 6.69 -4.96
C LEU A 224 10.08 6.84 -6.36
N LEU A 225 9.68 7.88 -7.09
CA LEU A 225 10.18 8.08 -8.43
C LEU A 225 11.67 8.40 -8.48
N SER A 226 12.17 9.05 -7.42
CA SER A 226 13.57 9.46 -7.36
CA SER A 226 13.57 9.46 -7.41
C SER A 226 14.47 8.37 -6.83
N SER A 227 13.89 7.25 -6.40
CA SER A 227 14.68 6.21 -5.77
CA SER A 227 14.62 6.20 -5.72
C SER A 227 14.49 4.86 -6.43
N ARG A 228 13.90 4.84 -7.63
CA ARG A 228 13.81 3.60 -8.39
C ARG A 228 15.18 2.93 -8.50
N SER A 229 15.18 1.59 -8.45
CA SER A 229 16.40 0.77 -8.42
C SER A 229 17.52 1.38 -7.60
N LEU B 2 7.29 -0.69 14.95
CA LEU B 2 7.93 -1.74 14.17
C LEU B 2 6.94 -2.74 13.60
N SER B 4 2.32 -2.85 12.52
CA SER B 4 1.09 -2.11 12.39
C SER B 4 0.18 -2.31 13.60
#